data_6FZO
#
_entry.id   6FZO
#
_cell.length_a   41.310
_cell.length_b   77.320
_cell.length_c   79.490
_cell.angle_alpha   90.00
_cell.angle_beta   92.83
_cell.angle_gamma   90.00
#
_symmetry.space_group_name_H-M   'P 1 21 1'
#
loop_
_entity.id
_entity.type
_entity.pdbx_description
1 polymer Smurfp
2 non-polymer 'SULFATE ION'
3 non-polymer 1,2-ETHANEDIOL
4 non-polymer 'CHLORIDE ION'
5 water water
#
_entity_poly.entity_id   1
_entity_poly.type   'polypeptide(L)'
_entity_poly.pdbx_seq_one_letter_code
;MKTSEQRVNIATLLTENKKKIVDKASQDLWRRHPDLIAPGGIAFSQRDRALCLRDFGWFLHLITFCLLAGDKGPIESIGL
ISIREMYNSLGVPVPAMMESIRCLKEASLSLLDEEDANETAPYFDYIIKAMSHHHHHH
;
_entity_poly.pdbx_strand_id   A,B,C,D
#
loop_
_chem_comp.id
_chem_comp.type
_chem_comp.name
_chem_comp.formula
CL non-polymer 'CHLORIDE ION' 'Cl -1'
EDO non-polymer 1,2-ETHANEDIOL 'C2 H6 O2'
SO4 non-polymer 'SULFATE ION' 'O4 S -2'
#
# COMPACT_ATOMS: atom_id res chain seq x y z
N LYS A 2 0.81 -20.97 -28.01
CA LYS A 2 -0.12 -22.09 -27.82
C LYS A 2 -1.52 -21.64 -27.42
N THR A 3 -1.65 -20.74 -26.45
CA THR A 3 -2.89 -20.04 -26.15
C THR A 3 -2.80 -18.56 -26.56
N SER A 4 -3.94 -17.89 -26.81
CA SER A 4 -3.96 -16.52 -27.34
C SER A 4 -2.96 -15.51 -26.78
N GLU A 5 -2.16 -15.01 -27.69
CA GLU A 5 -1.11 -14.06 -27.31
C GLU A 5 -1.74 -12.70 -27.01
N GLN A 6 -2.77 -12.32 -27.76
CA GLN A 6 -3.52 -11.09 -27.53
C GLN A 6 -4.00 -11.01 -26.08
N ARG A 7 -4.62 -12.11 -25.65
CA ARG A 7 -5.20 -12.23 -24.33
C ARG A 7 -4.18 -12.17 -23.21
N VAL A 8 -3.08 -12.88 -23.39
CA VAL A 8 -1.95 -12.86 -22.47
C VAL A 8 -1.45 -11.43 -22.34
N ASN A 9 -1.32 -10.73 -23.47
CA ASN A 9 -0.79 -9.35 -23.46
C ASN A 9 -1.75 -8.38 -22.77
N ILE A 10 -3.03 -8.51 -23.06
CA ILE A 10 -4.04 -7.72 -22.38
C ILE A 10 -4.01 -7.99 -20.88
N ALA A 11 -3.86 -9.26 -20.50
CA ALA A 11 -3.86 -9.61 -19.07
C ALA A 11 -2.63 -9.04 -18.38
N THR A 12 -1.47 -9.09 -19.05
CA THR A 12 -0.22 -8.54 -18.52
C THR A 12 -0.33 -7.04 -18.28
N LEU A 13 -0.99 -6.39 -19.23
CA LEU A 13 -1.14 -4.95 -19.22
C LEU A 13 -2.11 -4.51 -18.12
N LEU A 14 -3.19 -5.26 -17.94
CA LEU A 14 -4.14 -4.96 -16.87
C LEU A 14 -3.51 -5.20 -15.51
N THR A 15 -2.76 -6.29 -15.39
CA THR A 15 -2.04 -6.66 -14.18
C THR A 15 -1.00 -5.60 -13.81
N GLU A 16 -0.29 -5.10 -14.79
CA GLU A 16 0.73 -4.10 -14.58
C GLU A 16 0.16 -2.77 -14.09
N ASN A 17 -1.02 -2.41 -14.59
CA ASN A 17 -1.68 -1.17 -14.25
C ASN A 17 -2.79 -1.35 -13.22
N LYS A 18 -2.76 -2.46 -12.49
CA LYS A 18 -3.74 -2.72 -11.43
C LYS A 18 -3.98 -1.52 -10.51
N LYS A 19 -2.91 -0.94 -9.96
CA LYS A 19 -3.04 0.20 -9.03
C LYS A 19 -3.75 1.38 -9.67
N LYS A 20 -3.28 1.75 -10.86
CA LYS A 20 -3.82 2.88 -11.61
C LYS A 20 -5.29 2.69 -11.94
N ILE A 21 -5.62 1.45 -12.33
CA ILE A 21 -6.99 1.08 -12.69
C ILE A 21 -7.88 1.16 -11.47
N VAL A 22 -7.44 0.54 -10.36
CA VAL A 22 -8.22 0.49 -9.12
C VAL A 22 -8.42 1.88 -8.48
N ASP A 23 -7.41 2.75 -8.55
CA ASP A 23 -7.55 4.13 -8.07
C ASP A 23 -8.59 4.92 -8.83
N LYS A 24 -8.47 4.83 -10.17
CA LYS A 24 -9.37 5.52 -11.07
C LYS A 24 -10.80 5.03 -10.86
N ALA A 25 -10.97 3.70 -10.87
CA ALA A 25 -12.27 3.08 -10.70
C ALA A 25 -12.96 3.41 -9.37
N SER A 26 -12.20 3.31 -8.27
CA SER A 26 -12.73 3.55 -6.93
C SER A 26 -13.10 5.02 -6.73
N GLN A 27 -12.21 5.91 -7.18
CA GLN A 27 -12.44 7.36 -7.16
C GLN A 27 -13.66 7.74 -7.99
N ASP A 28 -13.84 7.08 -9.12
CA ASP A 28 -14.96 7.34 -10.01
C ASP A 28 -16.28 7.01 -9.31
N LEU A 29 -16.36 5.81 -8.76
CA LEU A 29 -17.51 5.42 -7.97
C LEU A 29 -17.71 6.37 -6.76
N TRP A 30 -16.63 6.59 -6.00
CA TRP A 30 -16.67 7.46 -4.81
C TRP A 30 -17.22 8.87 -5.07
N ARG A 31 -16.82 9.49 -6.17
CA ARG A 31 -17.27 10.85 -6.53
C ARG A 31 -18.81 10.87 -6.63
N ARG A 32 -19.39 9.79 -7.16
CA ARG A 32 -20.82 9.72 -7.34
C ARG A 32 -21.54 9.17 -6.12
N HIS A 33 -20.98 8.16 -5.46
CA HIS A 33 -21.61 7.54 -4.29
C HIS A 33 -20.60 7.31 -3.16
N PRO A 34 -20.19 8.39 -2.47
CA PRO A 34 -19.07 8.29 -1.52
C PRO A 34 -19.31 7.31 -0.38
N ASP A 35 -20.57 7.16 0.00
CA ASP A 35 -21.01 6.26 1.06
C ASP A 35 -20.91 4.76 0.71
N LEU A 36 -20.62 4.42 -0.53
CA LEU A 36 -20.53 3.02 -0.92
C LEU A 36 -19.11 2.44 -0.97
N ILE A 37 -18.08 3.26 -0.75
CA ILE A 37 -16.68 2.82 -0.87
C ILE A 37 -15.83 3.53 0.18
N ALA A 38 -15.32 2.76 1.11
CA ALA A 38 -14.64 3.27 2.28
C ALA A 38 -13.11 3.24 2.09
N PRO A 39 -12.39 4.12 2.80
CA PRO A 39 -10.94 4.16 2.70
C PRO A 39 -10.20 3.09 3.49
N GLY A 40 -9.06 2.71 2.94
CA GLY A 40 -8.09 1.87 3.65
C GLY A 40 -8.54 0.41 3.71
N GLY A 41 -8.03 -0.34 4.68
CA GLY A 41 -8.41 -1.75 4.87
C GLY A 41 -9.60 -1.99 5.77
N ILE A 42 -10.59 -2.72 5.25
CA ILE A 42 -11.77 -3.17 5.97
C ILE A 42 -11.71 -4.68 5.96
N ALA A 43 -12.11 -5.31 7.08
CA ALA A 43 -12.25 -6.77 7.11
C ALA A 43 -13.12 -7.30 5.96
N PHE A 44 -12.47 -7.93 4.99
CA PHE A 44 -13.17 -8.46 3.79
C PHE A 44 -14.36 -9.36 4.16
N SER A 45 -14.25 -10.10 5.26
CA SER A 45 -15.29 -11.03 5.70
C SER A 45 -16.46 -10.39 6.50
N GLN A 46 -16.43 -9.09 6.71
CA GLN A 46 -17.43 -8.40 7.51
C GLN A 46 -18.76 -8.38 6.78
N ARG A 47 -19.80 -8.90 7.43
CA ARG A 47 -21.13 -8.92 6.82
C ARG A 47 -21.73 -7.51 6.82
N ASP A 48 -22.50 -7.23 5.77
CA ASP A 48 -23.29 -5.99 5.59
C ASP A 48 -22.46 -4.72 5.52
N ARG A 49 -21.42 -4.75 4.68
CA ARG A 49 -20.42 -3.72 4.65
C ARG A 49 -20.46 -2.92 3.35
N ALA A 50 -19.69 -1.82 3.36
CA ALA A 50 -19.41 -1.05 2.18
C ALA A 50 -18.30 -1.78 1.39
N LEU A 51 -18.13 -1.38 0.13
CA LEU A 51 -16.96 -1.74 -0.67
C LEU A 51 -15.67 -1.18 -0.09
N CYS A 52 -14.56 -1.88 -0.34
CA CYS A 52 -13.18 -1.41 -0.06
C CYS A 52 -12.35 -1.61 -1.31
N LEU A 53 -11.16 -1.03 -1.34
CA LEU A 53 -10.24 -1.25 -2.45
C LEU A 53 -9.97 -2.71 -2.78
N ARG A 54 -9.95 -3.58 -1.78
CA ARG A 54 -9.74 -5.02 -1.99
C ARG A 54 -10.78 -5.65 -2.89
N ASP A 55 -12.03 -5.14 -2.88
CA ASP A 55 -13.08 -5.67 -3.76
C ASP A 55 -12.80 -5.31 -5.19
N PHE A 56 -12.29 -4.09 -5.41
CA PHE A 56 -11.89 -3.62 -6.74
C PHE A 56 -10.76 -4.45 -7.35
N GLY A 57 -9.74 -4.74 -6.53
CA GLY A 57 -8.63 -5.60 -6.94
C GLY A 57 -9.04 -7.05 -7.16
N TRP A 58 -9.99 -7.55 -6.36
CA TRP A 58 -10.49 -8.92 -6.48
C TRP A 58 -11.11 -9.05 -7.85
N PHE A 59 -12.07 -8.16 -8.14
CA PHE A 59 -12.81 -8.19 -9.39
C PHE A 59 -11.94 -8.00 -10.61
N LEU A 60 -10.94 -7.13 -10.52
CA LEU A 60 -10.00 -6.95 -11.62
C LEU A 60 -9.24 -8.24 -11.94
N HIS A 61 -8.74 -8.90 -10.90
CA HIS A 61 -8.05 -10.19 -11.05
C HIS A 61 -8.99 -11.22 -11.62
N LEU A 62 -10.25 -11.18 -11.22
CA LEU A 62 -11.23 -12.11 -11.69
C LEU A 62 -11.47 -12.00 -13.19
N ILE A 63 -11.60 -10.75 -13.66
CA ILE A 63 -11.85 -10.45 -15.07
C ILE A 63 -10.65 -10.81 -15.94
N THR A 64 -9.47 -10.57 -15.39
CA THR A 64 -8.22 -11.01 -15.98
C THR A 64 -8.15 -12.55 -16.08
N PHE A 65 -8.53 -13.26 -15.02
N PHE A 65 -8.53 -13.26 -15.02
CA PHE A 65 -8.50 -14.74 -15.07
CA PHE A 65 -8.51 -14.73 -15.07
C PHE A 65 -9.44 -15.27 -16.15
C PHE A 65 -9.44 -15.26 -16.15
N CYS A 66 -10.63 -14.67 -16.24
CA CYS A 66 -11.63 -15.01 -17.27
C CYS A 66 -11.12 -14.72 -18.68
N LEU A 67 -10.45 -13.58 -18.83
CA LEU A 67 -9.84 -13.21 -20.06
C LEU A 67 -8.83 -14.28 -20.45
N LEU A 68 -7.90 -14.62 -19.56
CA LEU A 68 -6.92 -15.68 -19.85
C LEU A 68 -7.54 -17.04 -20.17
N ALA A 69 -8.62 -17.37 -19.47
CA ALA A 69 -9.29 -18.64 -19.62
C ALA A 69 -10.21 -18.68 -20.85
N GLY A 70 -10.46 -17.54 -21.50
CA GLY A 70 -11.45 -17.44 -22.56
C GLY A 70 -12.90 -17.57 -22.08
N ASP A 71 -13.14 -17.42 -20.77
CA ASP A 71 -14.49 -17.60 -20.23
C ASP A 71 -15.23 -16.28 -20.24
N LYS A 72 -16.19 -16.12 -21.16
CA LYS A 72 -17.03 -14.92 -21.17
C LYS A 72 -18.51 -15.21 -21.30
N GLY A 73 -18.96 -16.34 -20.75
CA GLY A 73 -20.37 -16.73 -20.85
C GLY A 73 -20.77 -17.24 -22.20
N PRO A 74 -22.08 -17.33 -22.48
CA PRO A 74 -23.15 -16.93 -21.56
C PRO A 74 -23.26 -17.81 -20.32
N ILE A 75 -22.83 -19.07 -20.41
CA ILE A 75 -22.85 -19.97 -19.26
C ILE A 75 -21.86 -19.51 -18.18
N GLU A 76 -22.40 -19.32 -16.99
CA GLU A 76 -21.64 -19.00 -15.80
C GLU A 76 -20.88 -20.21 -15.28
N SER A 77 -19.57 -20.05 -15.13
CA SER A 77 -18.71 -21.07 -14.53
C SER A 77 -19.05 -21.27 -13.07
N ILE A 78 -18.72 -22.46 -12.57
CA ILE A 78 -18.76 -22.82 -11.16
C ILE A 78 -18.08 -21.80 -10.25
N GLY A 79 -16.90 -21.35 -10.67
CA GLY A 79 -16.11 -20.36 -9.91
C GLY A 79 -16.92 -19.09 -9.73
N LEU A 80 -17.47 -18.62 -10.83
CA LEU A 80 -18.23 -17.40 -10.89
C LEU A 80 -19.50 -17.43 -10.06
N ILE A 81 -20.09 -18.60 -9.90
CA ILE A 81 -21.30 -18.78 -9.09
C ILE A 81 -20.90 -18.71 -7.61
N SER A 82 -19.81 -19.40 -7.28
CA SER A 82 -19.21 -19.34 -5.96
C SER A 82 -18.78 -17.95 -5.54
N ILE A 83 -18.25 -17.15 -6.45
CA ILE A 83 -17.90 -15.75 -6.16
C ILE A 83 -19.15 -14.96 -5.84
N ARG A 84 -20.18 -15.09 -6.69
CA ARG A 84 -21.44 -14.42 -6.43
C ARG A 84 -21.92 -14.81 -5.06
N GLU A 85 -21.80 -16.09 -4.73
CA GLU A 85 -22.27 -16.62 -3.45
C GLU A 85 -21.49 -16.00 -2.30
N MET A 86 -20.16 -16.00 -2.41
CA MET A 86 -19.32 -15.35 -1.43
CA MET A 86 -19.31 -15.34 -1.43
C MET A 86 -19.83 -13.93 -1.12
N TYR A 87 -19.98 -13.11 -2.16
CA TYR A 87 -20.48 -11.73 -1.99
C TYR A 87 -21.92 -11.66 -1.47
N ASN A 88 -22.75 -12.59 -1.92
CA ASN A 88 -24.12 -12.76 -1.41
C ASN A 88 -24.12 -12.79 0.11
N SER A 89 -23.32 -13.68 0.68
CA SER A 89 -23.23 -13.80 2.14
C SER A 89 -22.59 -12.57 2.79
N LEU A 90 -21.68 -11.90 2.09
CA LEU A 90 -21.09 -10.63 2.59
C LEU A 90 -22.06 -9.47 2.71
N GLY A 91 -23.23 -9.60 2.08
CA GLY A 91 -24.29 -8.59 2.14
C GLY A 91 -23.95 -7.29 1.44
N VAL A 92 -23.05 -7.36 0.44
CA VAL A 92 -22.60 -6.18 -0.32
C VAL A 92 -23.66 -5.84 -1.37
N PRO A 93 -24.14 -4.57 -1.43
CA PRO A 93 -25.31 -4.35 -2.31
C PRO A 93 -25.06 -4.68 -3.80
N VAL A 94 -26.04 -5.30 -4.44
CA VAL A 94 -25.97 -5.66 -5.88
C VAL A 94 -25.68 -4.46 -6.79
N PRO A 95 -26.49 -3.37 -6.68
CA PRO A 95 -26.18 -2.20 -7.50
C PRO A 95 -24.74 -1.68 -7.33
N ALA A 96 -24.19 -1.73 -6.12
CA ALA A 96 -22.83 -1.24 -5.88
C ALA A 96 -21.74 -2.14 -6.48
N MET A 97 -21.94 -3.45 -6.45
CA MET A 97 -20.99 -4.38 -7.08
C MET A 97 -20.97 -4.16 -8.57
N MET A 98 -22.16 -4.10 -9.18
CA MET A 98 -22.28 -3.83 -10.60
C MET A 98 -21.59 -2.53 -10.97
N GLU A 99 -21.81 -1.48 -10.19
CA GLU A 99 -21.20 -0.19 -10.46
C GLU A 99 -19.70 -0.19 -10.30
N SER A 100 -19.19 -0.90 -9.30
CA SER A 100 -17.72 -1.05 -9.14
C SER A 100 -17.09 -1.65 -10.38
N ILE A 101 -17.74 -2.66 -10.95
CA ILE A 101 -17.20 -3.38 -12.09
C ILE A 101 -17.31 -2.54 -13.36
N ARG A 102 -18.38 -1.77 -13.49
CA ARG A 102 -18.51 -0.78 -14.56
C ARG A 102 -17.39 0.25 -14.53
N CYS A 103 -17.05 0.73 -13.34
CA CYS A 103 -15.96 1.70 -13.20
C CYS A 103 -14.60 1.06 -13.59
N LEU A 104 -14.37 -0.20 -13.19
CA LEU A 104 -13.15 -0.88 -13.61
C LEU A 104 -13.10 -1.06 -15.13
N LYS A 105 -14.25 -1.32 -15.74
CA LYS A 105 -14.37 -1.46 -17.20
C LYS A 105 -13.89 -0.20 -17.88
N GLU A 106 -14.51 0.93 -17.54
CA GLU A 106 -14.10 2.21 -18.11
C GLU A 106 -12.64 2.49 -17.88
N ALA A 107 -12.17 2.29 -16.66
CA ALA A 107 -10.75 2.51 -16.37
C ALA A 107 -9.81 1.57 -17.17
N SER A 108 -10.20 0.30 -17.28
CA SER A 108 -9.35 -0.70 -17.96
C SER A 108 -9.36 -0.48 -19.46
N LEU A 109 -10.55 -0.23 -20.03
CA LEU A 109 -10.68 -0.07 -21.48
C LEU A 109 -10.02 1.19 -22.00
N SER A 110 -9.99 2.26 -21.19
CA SER A 110 -9.30 3.48 -21.54
C SER A 110 -7.82 3.30 -21.76
N LEU A 111 -7.21 2.29 -21.14
CA LEU A 111 -5.79 2.00 -21.36
C LEU A 111 -5.50 1.18 -22.57
N LEU A 112 -6.49 0.46 -23.07
CA LEU A 112 -6.32 -0.41 -24.23
C LEU A 112 -6.55 0.35 -25.50
N ASP A 113 -5.92 -0.14 -26.58
CA ASP A 113 -6.23 0.35 -27.93
C ASP A 113 -7.59 -0.25 -28.34
N GLU A 114 -8.08 0.11 -29.52
CA GLU A 114 -9.50 -0.09 -29.82
C GLU A 114 -9.84 -1.54 -30.04
N GLU A 115 -8.91 -2.27 -30.64
CA GLU A 115 -9.09 -3.69 -30.96
C GLU A 115 -9.08 -4.50 -29.69
N ASP A 116 -8.14 -4.20 -28.80
CA ASP A 116 -8.07 -4.84 -27.51
C ASP A 116 -9.23 -4.51 -26.58
N ALA A 117 -9.71 -3.28 -26.62
CA ALA A 117 -10.90 -2.86 -25.86
C ALA A 117 -12.12 -3.65 -26.30
N ASN A 118 -12.30 -3.81 -27.60
CA ASN A 118 -13.43 -4.58 -28.16
C ASN A 118 -13.38 -6.03 -27.72
N GLU A 119 -12.18 -6.61 -27.71
CA GLU A 119 -11.94 -7.99 -27.25
C GLU A 119 -12.24 -8.14 -25.76
N THR A 120 -11.89 -7.12 -24.96
CA THR A 120 -11.92 -7.23 -23.51
C THR A 120 -13.28 -6.85 -22.92
N ALA A 121 -13.99 -5.94 -23.57
CA ALA A 121 -15.28 -5.45 -23.03
C ALA A 121 -16.26 -6.57 -22.64
N PRO A 122 -16.41 -7.63 -23.46
CA PRO A 122 -17.30 -8.75 -23.12
C PRO A 122 -17.02 -9.44 -21.80
N TYR A 123 -15.77 -9.48 -21.37
CA TYR A 123 -15.41 -10.16 -20.14
C TYR A 123 -15.88 -9.37 -18.92
N PHE A 124 -15.80 -8.03 -18.99
CA PHE A 124 -16.43 -7.18 -18.00
C PHE A 124 -17.94 -7.37 -17.99
N ASP A 125 -18.55 -7.37 -19.15
CA ASP A 125 -20.02 -7.54 -19.24
C ASP A 125 -20.48 -8.86 -18.63
N TYR A 126 -19.76 -9.93 -18.91
CA TYR A 126 -20.01 -11.25 -18.29
C TYR A 126 -20.08 -11.13 -16.79
N ILE A 127 -19.08 -10.50 -16.20
CA ILE A 127 -18.96 -10.43 -14.73
C ILE A 127 -20.02 -9.50 -14.14
N ILE A 128 -20.29 -8.43 -14.84
CA ILE A 128 -21.29 -7.48 -14.40
C ILE A 128 -22.62 -8.14 -14.36
N LYS A 129 -22.89 -9.01 -15.30
CA LYS A 129 -24.15 -9.72 -15.32
C LYS A 129 -24.25 -10.83 -14.26
N ALA A 130 -23.14 -11.43 -13.91
CA ALA A 130 -23.11 -12.46 -12.92
C ALA A 130 -23.40 -11.89 -11.55
N MET A 131 -22.91 -10.69 -11.32
CA MET A 131 -23.04 -9.99 -10.08
C MET A 131 -24.22 -9.06 -10.05
N SER A 132 -25.34 -9.49 -10.57
CA SER A 132 -26.53 -8.70 -10.56
C SER A 132 -27.71 -9.59 -10.23
N HIS A 133 -27.50 -10.70 -9.58
CA HIS A 133 -28.53 -11.69 -9.47
C HIS A 133 -29.88 -11.74 -8.73
N HIS A 134 -30.65 -12.62 -9.39
CA HIS A 134 -32.04 -13.07 -9.23
C HIS A 134 -32.87 -12.14 -10.06
N MET B 1 16.66 27.83 -1.08
CA MET B 1 15.29 28.05 -1.64
C MET B 1 15.09 29.50 -2.02
N LYS B 2 14.87 29.76 -3.31
CA LYS B 2 14.66 31.13 -3.83
C LYS B 2 13.45 31.79 -3.17
N THR B 3 12.29 31.18 -3.40
CA THR B 3 11.02 31.63 -2.88
C THR B 3 10.49 30.54 -1.95
N SER B 4 9.62 30.96 -1.01
CA SER B 4 9.01 30.06 -0.01
C SER B 4 8.02 29.21 -0.77
N GLU B 5 7.61 29.69 -1.92
CA GLU B 5 6.70 28.91 -2.76
C GLU B 5 7.43 27.73 -3.37
N GLN B 6 8.68 27.93 -3.78
CA GLN B 6 9.51 26.85 -4.33
C GLN B 6 9.60 25.66 -3.38
N ARG B 7 9.86 25.98 -2.13
CA ARG B 7 10.00 25.02 -1.03
C ARG B 7 8.72 24.22 -0.77
N VAL B 8 7.60 24.95 -0.69
CA VAL B 8 6.30 24.35 -0.52
C VAL B 8 6.05 23.38 -1.68
N ASN B 9 6.36 23.82 -2.91
CA ASN B 9 6.12 23.01 -4.10
C ASN B 9 6.97 21.77 -4.13
N ILE B 10 8.25 21.90 -3.78
CA ILE B 10 9.15 20.75 -3.67
C ILE B 10 8.63 19.79 -2.62
N ALA B 11 8.15 20.31 -1.48
CA ALA B 11 7.65 19.42 -0.42
C ALA B 11 6.39 18.65 -0.90
N THR B 12 5.50 19.37 -1.59
CA THR B 12 4.28 18.78 -2.15
C THR B 12 4.59 17.68 -3.16
N LEU B 13 5.60 17.93 -3.96
CA LEU B 13 6.02 17.06 -5.03
C LEU B 13 6.68 15.82 -4.50
N LEU B 14 7.50 15.96 -3.46
CA LEU B 14 8.11 14.81 -2.80
C LEU B 14 7.05 13.95 -2.14
N THR B 15 6.11 14.61 -1.47
CA THR B 15 5.00 13.97 -0.78
C THR B 15 4.11 13.19 -1.75
N GLU B 16 3.84 13.80 -2.90
CA GLU B 16 2.99 13.20 -3.89
C GLU B 16 3.61 11.96 -4.52
N ASN B 17 4.93 11.97 -4.69
CA ASN B 17 5.67 10.87 -5.30
C ASN B 17 6.36 10.02 -4.28
N LYS B 18 5.91 10.07 -3.03
CA LYS B 18 6.45 9.22 -1.97
CA LYS B 18 6.45 9.22 -1.97
C LYS B 18 6.63 7.76 -2.40
N LYS B 19 5.56 7.13 -2.91
CA LYS B 19 5.63 5.72 -3.31
CA LYS B 19 5.62 5.71 -3.31
C LYS B 19 6.67 5.47 -4.39
N LYS B 20 6.65 6.30 -5.42
CA LYS B 20 7.56 6.18 -6.56
C LYS B 20 9.02 6.33 -6.11
N ILE B 21 9.24 7.29 -5.21
CA ILE B 21 10.57 7.57 -4.66
C ILE B 21 11.05 6.41 -3.81
N VAL B 22 10.20 5.94 -2.91
CA VAL B 22 10.51 4.83 -2.00
C VAL B 22 10.76 3.50 -2.74
N ASP B 23 10.01 3.24 -3.80
CA ASP B 23 10.23 2.04 -4.64
C ASP B 23 11.59 2.08 -5.33
N LYS B 24 11.89 3.22 -5.95
CA LYS B 24 13.13 3.45 -6.66
C LYS B 24 14.32 3.32 -5.68
N ALA B 25 14.22 4.02 -4.57
CA ALA B 25 15.26 4.01 -3.53
C ALA B 25 15.55 2.64 -2.94
N SER B 26 14.48 1.92 -2.58
CA SER B 26 14.59 0.59 -1.96
C SER B 26 15.16 -0.43 -2.97
N GLN B 27 14.64 -0.39 -4.19
CA GLN B 27 15.12 -1.20 -5.31
C GLN B 27 16.61 -0.94 -5.62
N ASP B 28 17.02 0.32 -5.54
CA ASP B 28 18.39 0.72 -5.78
C ASP B 28 19.33 0.07 -4.74
N LEU B 29 18.99 0.25 -3.47
CA LEU B 29 19.69 -0.43 -2.40
C LEU B 29 19.66 -1.96 -2.57
N TRP B 30 18.48 -2.50 -2.78
CA TRP B 30 18.28 -3.96 -2.92
C TRP B 30 19.14 -4.62 -3.99
N ARG B 31 19.26 -3.96 -5.15
CA ARG B 31 20.06 -4.46 -6.29
C ARG B 31 21.50 -4.70 -5.83
N ARG B 32 22.00 -3.78 -5.00
CA ARG B 32 23.37 -3.85 -4.55
C ARG B 32 23.53 -4.69 -3.29
N HIS B 33 22.61 -4.58 -2.34
CA HIS B 33 22.69 -5.34 -1.08
C HIS B 33 21.33 -5.94 -0.69
N PRO B 34 20.93 -7.02 -1.38
CA PRO B 34 19.55 -7.54 -1.23
C PRO B 34 19.20 -7.95 0.20
N ASP B 35 20.22 -8.39 0.94
CA ASP B 35 20.08 -8.79 2.35
C ASP B 35 19.82 -7.65 3.34
N LEU B 36 19.91 -6.40 2.90
CA LEU B 36 19.70 -5.27 3.79
C LEU B 36 18.31 -4.65 3.77
N ILE B 37 17.42 -5.11 2.88
CA ILE B 37 16.08 -4.50 2.73
C ILE B 37 15.09 -5.60 2.35
N ALA B 38 14.14 -5.83 3.26
CA ALA B 38 13.17 -6.88 3.11
C ALA B 38 11.86 -6.36 2.51
N PRO B 39 11.09 -7.24 1.84
CA PRO B 39 9.87 -6.81 1.19
C PRO B 39 8.66 -6.66 2.14
N GLY B 40 7.82 -5.71 1.78
CA GLY B 40 6.46 -5.66 2.28
C GLY B 40 6.05 -5.44 3.70
N GLY B 41 7.00 -5.30 4.63
CA GLY B 41 6.69 -4.93 6.01
C GLY B 41 7.31 -5.86 7.03
N ILE B 42 8.13 -5.28 7.90
CA ILE B 42 8.73 -5.93 9.07
C ILE B 42 8.21 -5.13 10.26
N ALA B 43 7.94 -5.79 11.40
CA ALA B 43 7.72 -5.08 12.67
C ALA B 43 8.81 -4.00 12.96
N PHE B 44 8.39 -2.74 12.81
CA PHE B 44 9.29 -1.60 12.96
C PHE B 44 10.09 -1.61 14.26
N SER B 45 9.48 -2.12 15.34
CA SER B 45 10.10 -2.15 16.66
CA SER B 45 10.11 -2.15 16.66
C SER B 45 11.08 -3.32 16.92
N GLN B 46 11.25 -4.21 15.93
CA GLN B 46 12.06 -5.43 16.09
C GLN B 46 13.52 -5.04 16.21
N ARG B 47 14.17 -5.47 17.29
CA ARG B 47 15.59 -5.15 17.47
C ARG B 47 16.42 -5.99 16.51
N ASP B 48 17.52 -5.40 16.04
CA ASP B 48 18.56 -6.04 15.23
C ASP B 48 18.07 -6.56 13.88
N ARG B 49 17.37 -5.69 13.16
CA ARG B 49 16.65 -6.08 11.95
C ARG B 49 17.26 -5.48 10.70
N ALA B 50 16.77 -5.95 9.56
CA ALA B 50 17.01 -5.35 8.25
C ALA B 50 16.10 -4.13 8.10
N LEU B 51 16.40 -3.28 7.11
CA LEU B 51 15.52 -2.21 6.66
C LEU B 51 14.23 -2.78 6.06
N CYS B 52 13.15 -1.99 6.18
CA CYS B 52 11.87 -2.23 5.49
C CYS B 52 11.45 -0.93 4.80
N LEU B 53 10.44 -1.03 3.95
CA LEU B 53 9.88 0.15 3.32
C LEU B 53 9.51 1.29 4.27
N ARG B 54 9.02 0.96 5.47
CA ARG B 54 8.67 1.97 6.47
C ARG B 54 9.83 2.87 6.86
N ASP B 55 11.05 2.36 6.83
CA ASP B 55 12.24 3.17 7.14
C ASP B 55 12.48 4.21 6.08
N PHE B 56 12.29 3.78 4.82
CA PHE B 56 12.41 4.66 3.65
C PHE B 56 11.40 5.81 3.67
N GLY B 57 10.15 5.49 4.00
CA GLY B 57 9.09 6.48 4.12
C GLY B 57 9.28 7.41 5.32
N TRP B 58 9.83 6.89 6.41
CA TRP B 58 10.10 7.68 7.61
C TRP B 58 11.06 8.79 7.24
N PHE B 59 12.21 8.37 6.68
CA PHE B 59 13.29 9.28 6.33
C PHE B 59 12.88 10.29 5.28
N LEU B 60 12.07 9.87 4.30
CA LEU B 60 11.57 10.79 3.29
C LEU B 60 10.72 11.91 3.92
N HIS B 61 9.81 11.53 4.81
CA HIS B 61 8.98 12.51 5.55
C HIS B 61 9.86 13.44 6.37
N LEU B 62 10.91 12.88 6.96
CA LEU B 62 11.82 13.65 7.77
C LEU B 62 12.54 14.75 6.97
N ILE B 63 13.02 14.39 5.79
CA ILE B 63 13.73 15.30 4.88
C ILE B 63 12.81 16.39 4.34
N THR B 64 11.57 16.00 4.07
CA THR B 64 10.53 16.92 3.73
C THR B 64 10.23 17.90 4.87
N PHE B 65 10.14 17.41 6.12
CA PHE B 65 9.89 18.30 7.26
C PHE B 65 11.00 19.32 7.41
N CYS B 66 12.25 18.87 7.27
CA CYS B 66 13.43 19.75 7.28
C CYS B 66 13.41 20.80 6.17
N LEU B 67 13.03 20.34 4.99
CA LEU B 67 12.87 21.20 3.85
C LEU B 67 11.86 22.30 4.19
N LEU B 68 10.66 21.91 4.63
CA LEU B 68 9.64 22.90 5.01
C LEU B 68 10.09 23.85 6.12
N ALA B 69 10.83 23.33 7.09
CA ALA B 69 11.28 24.10 8.22
C ALA B 69 12.52 24.98 7.89
N GLY B 70 13.13 24.79 6.74
CA GLY B 70 14.40 25.42 6.41
C GLY B 70 15.59 24.91 7.22
N ASP B 71 15.45 23.75 7.87
CA ASP B 71 16.47 23.22 8.77
C ASP B 71 17.40 22.34 7.94
N LYS B 72 18.61 22.82 7.69
CA LYS B 72 19.62 22.03 7.02
C LYS B 72 20.98 22.04 7.70
N GLY B 73 20.98 22.15 9.02
CA GLY B 73 22.19 22.21 9.80
C GLY B 73 22.97 23.49 9.70
N PRO B 74 24.26 23.50 10.07
CA PRO B 74 24.99 22.32 10.54
C PRO B 74 24.50 21.76 11.88
N ILE B 75 23.90 22.60 12.72
CA ILE B 75 23.39 22.18 14.02
C ILE B 75 22.20 21.22 13.85
N GLU B 76 22.35 20.05 14.45
CA GLU B 76 21.33 19.04 14.49
C GLU B 76 20.24 19.40 15.48
N SER B 77 19.01 19.38 14.99
CA SER B 77 17.82 19.56 15.83
C SER B 77 17.68 18.41 16.82
N ILE B 78 16.98 18.72 17.91
CA ILE B 78 16.57 17.77 18.93
C ILE B 78 15.84 16.56 18.35
N GLY B 79 14.93 16.83 17.42
CA GLY B 79 14.14 15.76 16.79
C GLY B 79 15.06 14.79 16.08
N LEU B 80 15.99 15.35 15.32
CA LEU B 80 16.93 14.59 14.51
C LEU B 80 17.86 13.70 15.35
N ILE B 81 18.17 14.15 16.56
CA ILE B 81 19.02 13.39 17.47
C ILE B 81 18.21 12.23 18.06
N SER B 82 16.98 12.54 18.45
CA SER B 82 16.01 11.54 18.90
C SER B 82 15.72 10.46 17.86
N ILE B 83 15.65 10.83 16.57
CA ILE B 83 15.48 9.84 15.49
C ILE B 83 16.71 8.92 15.42
N ARG B 84 17.89 9.52 15.44
CA ARG B 84 19.11 8.74 15.42
C ARG B 84 19.08 7.77 16.60
N GLU B 85 18.62 8.27 17.75
CA GLU B 85 18.57 7.45 18.98
C GLU B 85 17.57 6.30 18.80
N MET B 86 16.37 6.60 18.31
CA MET B 86 15.38 5.58 17.99
C MET B 86 16.03 4.45 17.19
N TYR B 87 16.66 4.78 16.08
CA TYR B 87 17.32 3.77 15.23
C TYR B 87 18.48 3.07 15.91
N ASN B 88 19.24 3.83 16.71
CA ASN B 88 20.30 3.29 17.56
C ASN B 88 19.80 2.08 18.35
N SER B 89 18.70 2.27 19.07
CA SER B 89 18.11 1.20 19.86
C SER B 89 17.53 0.07 19.01
N LEU B 90 17.04 0.39 17.81
CA LEU B 90 16.56 -0.64 16.87
C LEU B 90 17.65 -1.58 16.33
N GLY B 91 18.90 -1.19 16.51
CA GLY B 91 20.04 -2.02 16.11
C GLY B 91 20.24 -2.08 14.62
N VAL B 92 19.73 -1.10 13.89
CA VAL B 92 19.86 -0.99 12.44
C VAL B 92 21.27 -0.41 12.15
N PRO B 93 22.07 -1.07 11.27
CA PRO B 93 23.46 -0.57 11.14
C PRO B 93 23.56 0.88 10.64
N VAL B 94 24.50 1.64 11.16
CA VAL B 94 24.83 3.00 10.65
C VAL B 94 25.10 3.04 9.13
N PRO B 95 26.03 2.20 8.63
CA PRO B 95 26.23 2.15 7.17
C PRO B 95 24.93 1.93 6.36
N ALA B 96 24.02 1.08 6.83
CA ALA B 96 22.78 0.81 6.11
C ALA B 96 21.80 1.99 6.11
N MET B 97 21.72 2.70 7.23
CA MET B 97 20.87 3.89 7.30
C MET B 97 21.37 4.96 6.37
N MET B 98 22.67 5.22 6.41
CA MET B 98 23.30 6.17 5.50
C MET B 98 23.03 5.81 4.06
N GLU B 99 23.18 4.54 3.72
CA GLU B 99 22.96 4.10 2.35
C GLU B 99 21.50 4.24 1.93
N SER B 100 20.56 3.91 2.82
CA SER B 100 19.14 4.12 2.51
C SER B 100 18.83 5.58 2.16
N ILE B 101 19.43 6.51 2.89
CA ILE B 101 19.17 7.94 2.71
C ILE B 101 19.83 8.46 1.45
N ARG B 102 21.01 7.92 1.12
CA ARG B 102 21.65 8.21 -0.16
C ARG B 102 20.81 7.75 -1.33
N CYS B 103 20.20 6.58 -1.23
CA CYS B 103 19.31 6.08 -2.26
C CYS B 103 18.08 6.96 -2.42
N LEU B 104 17.49 7.40 -1.31
CA LEU B 104 16.36 8.33 -1.41
C LEU B 104 16.74 9.62 -2.07
N LYS B 105 17.96 10.11 -1.80
CA LYS B 105 18.48 11.31 -2.41
C LYS B 105 18.48 11.19 -3.93
N GLU B 106 19.17 10.18 -4.41
CA GLU B 106 19.27 9.95 -5.84
C GLU B 106 17.88 9.77 -6.44
N ALA B 107 17.03 8.97 -5.82
CA ALA B 107 15.66 8.78 -6.29
C ALA B 107 14.83 10.05 -6.30
N SER B 108 14.96 10.87 -5.25
CA SER B 108 14.16 12.10 -5.14
C SER B 108 14.67 13.13 -6.10
N LEU B 109 15.98 13.29 -6.21
CA LEU B 109 16.56 14.32 -7.08
C LEU B 109 16.33 14.04 -8.57
N SER B 110 16.32 12.78 -8.95
CA SER B 110 16.05 12.37 -10.33
C SER B 110 14.66 12.76 -10.78
N LEU B 111 13.71 12.85 -9.86
CA LEU B 111 12.32 13.22 -10.19
C LEU B 111 12.11 14.72 -10.27
N LEU B 112 13.01 15.49 -9.64
CA LEU B 112 12.92 16.93 -9.66
C LEU B 112 13.61 17.46 -10.92
N ASP B 113 13.24 18.69 -11.27
CA ASP B 113 13.97 19.48 -12.24
C ASP B 113 15.33 19.85 -11.62
N GLU B 114 16.26 20.32 -12.44
CA GLU B 114 17.66 20.45 -11.99
C GLU B 114 17.81 21.57 -10.94
N GLU B 115 17.00 22.62 -11.07
CA GLU B 115 17.03 23.74 -10.16
C GLU B 115 16.53 23.35 -8.79
N ASP B 116 15.43 22.61 -8.78
CA ASP B 116 14.85 22.06 -7.55
C ASP B 116 15.73 21.02 -6.89
N ALA B 117 16.39 20.17 -7.68
CA ALA B 117 17.33 19.18 -7.16
C ALA B 117 18.51 19.87 -6.44
N ASN B 118 19.04 20.94 -7.04
CA ASN B 118 20.15 21.70 -6.44
C ASN B 118 19.73 22.30 -5.08
N GLU B 119 18.50 22.80 -5.02
CA GLU B 119 17.92 23.31 -3.81
C GLU B 119 17.71 22.28 -2.72
N THR B 120 17.32 21.07 -3.14
CA THR B 120 16.90 20.00 -2.22
C THR B 120 18.09 19.15 -1.71
N ALA B 121 19.12 19.01 -2.53
CA ALA B 121 20.25 18.16 -2.19
C ALA B 121 20.86 18.39 -0.78
N PRO B 122 21.03 19.67 -0.34
CA PRO B 122 21.55 19.95 0.99
C PRO B 122 20.78 19.34 2.16
N TYR B 123 19.48 19.19 2.00
CA TYR B 123 18.64 18.66 3.08
C TYR B 123 18.87 17.17 3.27
N PHE B 124 19.07 16.45 2.16
CA PHE B 124 19.52 15.07 2.23
C PHE B 124 20.88 14.94 2.88
N ASP B 125 21.82 15.80 2.48
CA ASP B 125 23.16 15.75 3.05
C ASP B 125 23.16 15.97 4.56
N TYR B 126 22.35 16.94 5.01
CA TYR B 126 22.15 17.18 6.44
C TYR B 126 21.78 15.88 7.18
N ILE B 127 20.77 15.18 6.65
CA ILE B 127 20.23 14.00 7.32
CA ILE B 127 20.24 14.01 7.32
C ILE B 127 21.20 12.83 7.26
N ILE B 128 21.95 12.72 6.15
CA ILE B 128 22.97 11.69 6.02
C ILE B 128 24.07 11.90 7.04
N LYS B 129 24.56 13.15 7.19
CA LYS B 129 25.59 13.47 8.19
C LYS B 129 25.06 13.19 9.60
N ALA B 130 23.79 13.51 9.83
CA ALA B 130 23.17 13.31 11.13
C ALA B 130 23.10 11.84 11.52
N MET B 131 22.86 10.99 10.53
CA MET B 131 22.75 9.56 10.77
C MET B 131 24.10 8.94 10.49
N SER B 132 25.11 9.26 11.30
CA SER B 132 26.44 8.74 11.02
C SER B 132 27.38 8.59 12.22
N HIS B 133 26.92 8.85 13.45
CA HIS B 133 27.85 8.97 14.59
C HIS B 133 28.28 7.64 15.21
N MET C 1 20.60 6.60 26.90
CA MET C 1 19.78 7.41 25.96
C MET C 1 19.73 8.86 26.40
N LYS C 2 20.29 9.78 25.60
CA LYS C 2 20.18 11.24 25.86
C LYS C 2 18.71 11.68 25.86
N THR C 3 18.08 11.49 24.73
CA THR C 3 16.68 11.83 24.49
C THR C 3 15.80 10.94 25.37
N SER C 4 14.59 11.43 25.68
CA SER C 4 13.61 10.67 26.49
C SER C 4 13.31 9.30 25.91
N GLU C 5 13.41 8.30 26.76
CA GLU C 5 13.10 6.93 26.36
C GLU C 5 11.61 6.76 26.15
N GLN C 6 10.79 7.39 26.98
CA GLN C 6 9.34 7.39 26.84
C GLN C 6 8.90 7.79 25.44
N ARG C 7 9.49 8.92 25.00
CA ARG C 7 9.18 9.53 23.72
C ARG C 7 9.58 8.65 22.56
N VAL C 8 10.80 8.10 22.63
CA VAL C 8 11.31 7.20 21.63
C VAL C 8 10.37 6.00 21.53
N ASN C 9 9.93 5.46 22.68
CA ASN C 9 9.08 4.27 22.68
C ASN C 9 7.71 4.54 22.09
N ILE C 10 7.13 5.70 22.47
CA ILE C 10 5.85 6.09 21.93
C ILE C 10 5.97 6.28 20.42
N ALA C 11 7.08 6.89 19.96
CA ALA C 11 7.26 7.11 18.54
C ALA C 11 7.41 5.82 17.77
N THR C 12 8.16 4.87 18.34
CA THR C 12 8.37 3.54 17.72
CA THR C 12 8.37 3.59 17.67
C THR C 12 7.05 2.79 17.57
N LEU C 13 6.22 2.92 18.60
CA LEU C 13 4.97 2.23 18.68
C LEU C 13 3.96 2.82 17.68
N LEU C 14 3.95 4.13 17.54
CA LEU C 14 3.08 4.77 16.59
C LEU C 14 3.50 4.46 15.17
N THR C 15 4.82 4.47 14.94
CA THR C 15 5.42 4.14 13.65
C THR C 15 5.10 2.71 13.23
N GLU C 16 5.20 1.79 14.18
CA GLU C 16 4.95 0.40 13.92
C GLU C 16 3.49 0.14 13.52
N ASN C 17 2.57 0.86 14.15
CA ASN C 17 1.14 0.71 13.92
C ASN C 17 0.55 1.77 13.00
N LYS C 18 1.41 2.43 12.23
CA LYS C 18 0.96 3.45 11.28
C LYS C 18 -0.26 3.00 10.44
N LYS C 19 -0.17 1.83 9.80
CA LYS C 19 -1.27 1.37 8.92
C LYS C 19 -2.57 1.20 9.69
N LYS C 20 -2.48 0.54 10.83
CA LYS C 20 -3.62 0.25 11.70
C LYS C 20 -4.27 1.54 12.18
N ILE C 21 -3.44 2.52 12.53
CA ILE C 21 -3.88 3.82 13.01
C ILE C 21 -4.59 4.57 11.90
N VAL C 22 -3.94 4.64 10.72
CA VAL C 22 -4.48 5.34 9.56
C VAL C 22 -5.81 4.74 9.03
N ASP C 23 -5.91 3.41 9.05
CA ASP C 23 -7.17 2.74 8.68
C ASP C 23 -8.32 3.05 9.60
N LYS C 24 -8.03 2.94 10.90
CA LYS C 24 -9.02 3.21 11.94
C LYS C 24 -9.48 4.67 11.86
N ALA C 25 -8.51 5.59 11.81
CA ALA C 25 -8.79 7.00 11.72
C ALA C 25 -9.62 7.41 10.49
N SER C 26 -9.20 6.93 9.31
CA SER C 26 -9.86 7.25 8.05
CA SER C 26 -9.87 7.25 8.05
C SER C 26 -11.28 6.70 7.99
N GLN C 27 -11.42 5.43 8.40
CA GLN C 27 -12.71 4.75 8.49
C GLN C 27 -13.66 5.47 9.47
N ASP C 28 -13.10 5.96 10.58
CA ASP C 28 -13.87 6.65 11.59
C ASP C 28 -14.45 7.94 11.01
N LEU C 29 -13.59 8.75 10.41
CA LEU C 29 -14.04 9.92 9.69
C LEU C 29 -15.05 9.58 8.59
N TRP C 30 -14.70 8.62 7.74
CA TRP C 30 -15.54 8.22 6.62
C TRP C 30 -16.97 7.84 7.01
N ARG C 31 -17.12 7.08 8.11
CA ARG C 31 -18.43 6.64 8.60
C ARG C 31 -19.33 7.85 8.85
N ARG C 32 -18.73 8.90 9.39
CA ARG C 32 -19.48 10.09 9.75
C ARG C 32 -19.59 11.08 8.59
N HIS C 33 -18.53 11.26 7.80
CA HIS C 33 -18.52 12.22 6.69
C HIS C 33 -17.86 11.61 5.43
N PRO C 34 -18.59 10.71 4.75
CA PRO C 34 -17.97 9.92 3.67
C PRO C 34 -17.41 10.76 2.53
N ASP C 35 -18.04 11.91 2.30
CA ASP C 35 -17.67 12.87 1.26
C ASP C 35 -16.36 13.62 1.53
N LEU C 36 -15.77 13.48 2.71
CA LEU C 36 -14.55 14.20 3.03
C LEU C 36 -13.26 13.38 2.86
N ILE C 37 -13.36 12.07 2.57
CA ILE C 37 -12.18 11.20 2.48
C ILE C 37 -12.38 10.17 1.39
N ALA C 38 -11.55 10.28 0.35
CA ALA C 38 -11.66 9.43 -0.81
C ALA C 38 -10.71 8.21 -0.74
N PRO C 39 -11.06 7.13 -1.42
CA PRO C 39 -10.36 5.86 -1.19
C PRO C 39 -9.12 5.70 -2.02
N GLY C 40 -9.10 6.26 -3.22
CA GLY C 40 -7.91 6.49 -3.98
C GLY C 40 -8.20 7.37 -5.19
N GLY C 41 -7.13 7.76 -5.88
CA GLY C 41 -7.23 8.51 -7.13
C GLY C 41 -7.22 10.02 -6.95
N ILE C 42 -6.70 10.47 -5.81
CA ILE C 42 -6.49 11.91 -5.57
C ILE C 42 -4.99 12.16 -5.50
N ALA C 43 -4.53 13.18 -6.22
CA ALA C 43 -3.11 13.51 -6.30
C ALA C 43 -2.98 14.42 -5.09
N PHE C 44 -2.00 14.18 -4.21
CA PHE C 44 -1.72 15.07 -3.08
C PHE C 44 -1.64 16.57 -3.45
N SER C 45 -1.10 16.86 -4.65
CA SER C 45 -0.92 18.27 -5.07
C SER C 45 -2.16 18.94 -5.72
N GLN C 46 -3.26 18.19 -5.83
CA GLN C 46 -4.48 18.68 -6.46
C GLN C 46 -5.12 19.78 -5.63
N ARG C 47 -5.32 20.94 -6.22
CA ARG C 47 -5.98 22.05 -5.50
C ARG C 47 -7.46 21.75 -5.30
N ASP C 48 -7.97 22.21 -4.16
CA ASP C 48 -9.40 22.20 -3.80
C ASP C 48 -10.01 20.82 -3.68
N ARG C 49 -9.34 19.95 -2.93
CA ARG C 49 -9.66 18.52 -2.93
C ARG C 49 -10.20 18.04 -1.59
N ALA C 50 -10.67 16.80 -1.59
CA ALA C 50 -11.01 16.06 -0.37
C ALA C 50 -9.70 15.50 0.21
N LEU C 51 -9.78 14.99 1.45
CA LEU C 51 -8.72 14.22 2.07
C LEU C 51 -8.48 12.88 1.36
N CYS C 52 -7.23 12.42 1.45
CA CYS C 52 -6.83 11.06 1.04
C CYS C 52 -6.03 10.45 2.17
N LEU C 53 -5.78 9.15 2.07
CA LEU C 53 -4.98 8.47 3.07
C LEU C 53 -3.60 9.10 3.31
N ARG C 54 -3.00 9.64 2.27
CA ARG C 54 -1.70 10.33 2.39
C ARG C 54 -1.71 11.48 3.38
N ASP C 55 -2.83 12.17 3.53
CA ASP C 55 -2.93 13.28 4.50
C ASP C 55 -2.90 12.74 5.92
N PHE C 56 -3.58 11.61 6.12
CA PHE C 56 -3.57 10.90 7.42
C PHE C 56 -2.18 10.45 7.86
N GLY C 57 -1.44 9.86 6.91
CA GLY C 57 -0.06 9.44 7.16
C GLY C 57 0.91 10.61 7.37
N TRP C 58 0.67 11.71 6.65
CA TRP C 58 1.50 12.92 6.76
C TRP C 58 1.40 13.41 8.18
N PHE C 59 0.15 13.64 8.61
CA PHE C 59 -0.12 14.20 9.93
C PHE C 59 0.36 13.32 11.05
N LEU C 60 0.22 12.00 10.91
CA LEU C 60 0.71 11.06 11.91
C LEU C 60 2.22 11.20 12.09
N HIS C 61 2.96 11.24 10.97
CA HIS C 61 4.41 11.42 11.02
C HIS C 61 4.76 12.75 11.65
N LEU C 62 3.97 13.77 11.35
CA LEU C 62 4.20 15.10 11.87
C LEU C 62 4.09 15.14 13.39
N ILE C 63 3.06 14.51 13.93
CA ILE C 63 2.79 14.47 15.38
C ILE C 63 3.85 13.67 16.12
N THR C 64 4.29 12.58 15.47
CA THR C 64 5.40 11.81 15.95
C THR C 64 6.70 12.64 15.97
N PHE C 65 6.97 13.41 14.92
CA PHE C 65 8.19 14.25 14.90
C PHE C 65 8.17 15.27 16.03
N CYS C 66 7.01 15.90 16.24
CA CYS C 66 6.80 16.85 17.35
C CYS C 66 6.99 16.22 18.72
N LEU C 67 6.44 15.01 18.85
CA LEU C 67 6.60 14.25 20.06
C LEU C 67 8.09 14.03 20.33
N LEU C 68 8.83 13.51 19.34
CA LEU C 68 10.26 13.31 19.50
C LEU C 68 11.05 14.59 19.80
N ALA C 69 10.64 15.69 19.17
CA ALA C 69 11.31 16.96 19.31
C ALA C 69 10.92 17.68 20.62
N GLY C 70 9.90 17.21 21.33
CA GLY C 70 9.32 17.94 22.46
C GLY C 70 8.59 19.22 22.09
N ASP C 71 8.21 19.36 20.82
CA ASP C 71 7.54 20.57 20.36
C ASP C 71 6.04 20.40 20.51
N LYS C 72 5.45 21.07 21.49
CA LYS C 72 4.01 21.09 21.63
C LYS C 72 3.40 22.45 21.85
N GLY C 73 4.01 23.47 21.27
CA GLY C 73 3.54 24.87 21.45
C GLY C 73 4.01 25.39 22.81
N PRO C 74 3.48 26.53 23.25
CA PRO C 74 2.51 27.35 22.51
C PRO C 74 3.07 27.97 21.22
N ILE C 75 4.38 28.20 21.16
CA ILE C 75 5.01 28.74 19.95
C ILE C 75 4.94 27.73 18.81
N GLU C 76 4.34 28.15 17.70
CA GLU C 76 4.32 27.36 16.47
C GLU C 76 5.68 27.43 15.77
N SER C 77 6.28 26.27 15.52
CA SER C 77 7.55 26.19 14.82
CA SER C 77 7.55 26.18 14.82
C SER C 77 7.42 26.63 13.37
N ILE C 78 8.53 27.05 12.81
CA ILE C 78 8.71 27.34 11.40
C ILE C 78 8.17 26.24 10.46
N GLY C 79 8.50 24.99 10.81
CA GLY C 79 8.06 23.83 10.03
C GLY C 79 6.55 23.78 9.98
N LEU C 80 5.95 23.92 11.16
CA LEU C 80 4.50 23.86 11.34
C LEU C 80 3.74 24.96 10.61
N ILE C 81 4.37 26.11 10.44
CA ILE C 81 3.79 27.24 9.70
C ILE C 81 3.82 26.93 8.22
N SER C 82 4.97 26.42 7.76
CA SER C 82 5.14 25.96 6.40
C SER C 82 4.17 24.83 6.01
N ILE C 83 3.90 23.91 6.94
CA ILE C 83 2.90 22.86 6.70
C ILE C 83 1.51 23.46 6.52
N ARG C 84 1.14 24.35 7.44
CA ARG C 84 -0.14 25.02 7.34
C ARG C 84 -0.21 25.71 6.00
N GLU C 85 0.89 26.34 5.56
CA GLU C 85 0.92 27.05 4.29
C GLU C 85 0.73 26.08 3.13
N MET C 86 1.48 25.00 3.13
CA MET C 86 1.31 23.94 2.13
C MET C 86 -0.18 23.59 1.97
N TYR C 87 -0.83 23.22 3.07
CA TYR C 87 -2.24 22.85 3.04
C TYR C 87 -3.15 24.00 2.64
N ASN C 88 -2.82 25.21 3.09
CA ASN C 88 -3.48 26.44 2.68
C ASN C 88 -3.63 26.50 1.18
N SER C 89 -2.51 26.36 0.48
CA SER C 89 -2.51 26.40 -0.98
C SER C 89 -3.24 25.20 -1.61
N LEU C 90 -3.21 24.04 -0.94
CA LEU C 90 -3.96 22.87 -1.41
C LEU C 90 -5.47 23.00 -1.36
N GLY C 91 -5.96 24.01 -0.62
CA GLY C 91 -7.39 24.26 -0.48
C GLY C 91 -8.17 23.18 0.24
N VAL C 92 -7.50 22.41 1.11
CA VAL C 92 -8.15 21.29 1.83
C VAL C 92 -8.95 21.86 3.01
N PRO C 93 -10.25 21.51 3.16
CA PRO C 93 -11.04 22.27 4.15
C PRO C 93 -10.51 22.17 5.60
N VAL C 94 -10.49 23.32 6.31
CA VAL C 94 -10.03 23.37 7.71
C VAL C 94 -10.79 22.42 8.63
N PRO C 95 -12.16 22.46 8.63
CA PRO C 95 -12.88 21.48 9.43
C PRO C 95 -12.47 20.02 9.19
N ALA C 96 -12.21 19.64 7.93
CA ALA C 96 -11.84 18.27 7.61
C ALA C 96 -10.44 17.89 8.10
N MET C 97 -9.49 18.82 8.00
CA MET C 97 -8.14 18.57 8.52
C MET C 97 -8.17 18.37 10.01
N MET C 98 -8.86 19.26 10.72
CA MET C 98 -9.03 19.15 12.17
C MET C 98 -9.65 17.82 12.54
N GLU C 99 -10.69 17.42 11.83
CA GLU C 99 -11.36 16.14 12.11
C GLU C 99 -10.49 14.93 11.82
N SER C 100 -9.71 14.98 10.75
CA SER C 100 -8.76 13.89 10.46
C SER C 100 -7.78 13.68 11.59
N ILE C 101 -7.28 14.78 12.17
CA ILE C 101 -6.27 14.71 13.21
C ILE C 101 -6.90 14.25 14.53
N ARG C 102 -8.15 14.66 14.79
CA ARG C 102 -8.90 14.13 15.93
C ARG C 102 -9.09 12.62 15.84
N CYS C 103 -9.40 12.12 14.66
CA CYS C 103 -9.55 10.68 14.46
C CYS C 103 -8.21 9.93 14.67
N LEU C 104 -7.11 10.50 14.19
CA LEU C 104 -5.80 9.90 14.45
C LEU C 104 -5.47 9.88 15.93
N LYS C 105 -5.88 10.93 16.65
CA LYS C 105 -5.69 11.03 18.10
C LYS C 105 -6.35 9.85 18.79
N GLU C 106 -7.66 9.70 18.56
CA GLU C 106 -8.41 8.59 19.16
C GLU C 106 -7.77 7.26 18.78
N ALA C 107 -7.46 7.06 17.52
CA ALA C 107 -6.83 5.82 17.08
C ALA C 107 -5.44 5.57 17.74
N SER C 108 -4.63 6.62 17.83
CA SER C 108 -3.28 6.51 18.39
C SER C 108 -3.32 6.31 19.88
N LEU C 109 -4.17 7.07 20.57
CA LEU C 109 -4.23 6.99 22.04
C LEU C 109 -4.81 5.69 22.54
N SER C 110 -5.73 5.08 21.78
CA SER C 110 -6.28 3.77 22.13
C SER C 110 -5.23 2.68 22.19
N LEU C 111 -4.13 2.82 21.45
CA LEU C 111 -3.04 1.83 21.50
C LEU C 111 -2.06 2.03 22.63
N LEU C 112 -2.03 3.23 23.18
CA LEU C 112 -1.13 3.56 24.26
C LEU C 112 -1.73 3.21 25.60
N ASP C 113 -0.85 2.94 26.58
CA ASP C 113 -1.29 2.81 27.96
C ASP C 113 -1.59 4.24 28.49
N GLU C 114 -2.08 4.34 29.71
CA GLU C 114 -2.71 5.58 30.13
C GLU C 114 -1.73 6.71 30.36
N GLU C 115 -0.56 6.35 30.84
CA GLU C 115 0.50 7.33 31.11
C GLU C 115 1.03 7.90 29.82
N ASP C 116 1.26 7.04 28.84
CA ASP C 116 1.71 7.45 27.53
C ASP C 116 0.68 8.24 26.74
N ALA C 117 -0.61 7.87 26.88
CA ALA C 117 -1.71 8.61 26.26
C ALA C 117 -1.77 10.03 26.79
N ASN C 118 -1.63 10.19 28.11
CA ASN C 118 -1.65 11.52 28.76
C ASN C 118 -0.51 12.38 28.27
N GLU C 119 0.67 11.77 28.11
CA GLU C 119 1.86 12.45 27.57
C GLU C 119 1.68 12.85 26.11
N THR C 120 1.01 12.02 25.32
CA THR C 120 0.94 12.19 23.87
CA THR C 120 0.96 12.20 23.87
C THR C 120 -0.22 13.08 23.43
N ALA C 121 -1.31 13.06 24.18
CA ALA C 121 -2.52 13.82 23.77
C ALA C 121 -2.25 15.31 23.43
N PRO C 122 -1.42 16.02 24.24
CA PRO C 122 -1.07 17.42 23.94
C PRO C 122 -0.46 17.68 22.57
N TYR C 123 0.29 16.72 22.04
CA TYR C 123 0.94 16.89 20.75
C TYR C 123 -0.07 16.86 19.60
N PHE C 124 -1.09 16.01 19.72
CA PHE C 124 -2.24 16.06 18.83
C PHE C 124 -2.96 17.39 18.92
N ASP C 125 -3.22 17.84 20.13
CA ASP C 125 -3.91 19.12 20.35
C ASP C 125 -3.15 20.30 19.74
N TYR C 126 -1.83 20.32 19.90
CA TYR C 126 -0.95 21.32 19.26
C TYR C 126 -1.22 21.39 17.77
N ILE C 127 -1.22 20.23 17.12
CA ILE C 127 -1.33 20.17 15.66
C ILE C 127 -2.74 20.52 15.21
N ILE C 128 -3.74 20.14 15.98
CA ILE C 128 -5.14 20.51 15.68
C ILE C 128 -5.30 22.03 15.75
N LYS C 129 -4.78 22.66 16.80
CA LYS C 129 -4.83 24.13 16.93
C LYS C 129 -4.08 24.80 15.78
N ALA C 130 -2.94 24.24 15.40
CA ALA C 130 -2.12 24.77 14.32
C ALA C 130 -2.87 24.75 12.99
N MET C 131 -3.66 23.70 12.76
CA MET C 131 -4.36 23.54 11.51
C MET C 131 -5.77 24.05 11.75
N SER C 132 -5.93 25.35 11.95
CA SER C 132 -7.27 25.88 12.27
C SER C 132 -7.51 27.31 11.88
N HIS C 133 -8.81 27.63 11.78
CA HIS C 133 -9.33 28.88 11.22
C HIS C 133 -8.71 29.13 9.84
N HIS C 134 -8.24 30.33 9.56
CA HIS C 134 -7.59 30.70 8.28
C HIS C 134 -6.06 30.95 8.26
N HIS C 135 -5.60 32.00 8.95
CA HIS C 135 -4.30 32.61 8.74
C HIS C 135 -4.12 33.03 7.26
N THR D 3 -18.54 -29.65 -0.71
CA THR D 3 -17.26 -28.86 -0.92
C THR D 3 -17.54 -27.34 -1.01
N SER D 4 -18.60 -27.00 -1.75
CA SER D 4 -19.05 -25.60 -1.91
C SER D 4 -18.97 -24.63 -0.76
N GLU D 5 -19.57 -24.84 0.41
CA GLU D 5 -19.54 -23.81 1.41
C GLU D 5 -18.17 -23.72 2.07
N GLN D 6 -17.54 -24.90 2.27
CA GLN D 6 -16.20 -24.98 2.84
C GLN D 6 -15.22 -24.14 2.01
N ARG D 7 -15.31 -24.33 0.69
CA ARG D 7 -14.44 -23.66 -0.26
C ARG D 7 -14.63 -22.16 -0.30
N VAL D 8 -15.88 -21.72 -0.32
CA VAL D 8 -16.22 -20.31 -0.24
C VAL D 8 -15.62 -19.73 1.02
N ASN D 9 -15.75 -20.43 2.15
CA ASN D 9 -15.25 -19.92 3.43
C ASN D 9 -13.73 -19.82 3.45
N ILE D 10 -13.07 -20.86 2.94
CA ILE D 10 -11.61 -20.84 2.82
C ILE D 10 -11.18 -19.69 1.91
N ALA D 11 -11.90 -19.47 0.81
CA ALA D 11 -11.54 -18.41 -0.12
C ALA D 11 -11.71 -17.04 0.52
N THR D 12 -12.79 -16.86 1.28
CA THR D 12 -13.06 -15.60 2.00
C THR D 12 -11.96 -15.31 3.02
N LEU D 13 -11.53 -16.36 3.68
CA LEU D 13 -10.53 -16.27 4.73
C LEU D 13 -9.16 -15.95 4.17
N LEU D 14 -8.82 -16.56 3.05
CA LEU D 14 -7.57 -16.27 2.37
C LEU D 14 -7.55 -14.85 1.84
N THR D 15 -8.68 -14.44 1.27
CA THR D 15 -8.87 -13.09 0.73
C THR D 15 -8.76 -12.02 1.81
N GLU D 16 -9.36 -12.31 2.96
CA GLU D 16 -9.33 -11.38 4.08
C GLU D 16 -7.94 -11.17 4.65
N ASN D 17 -7.14 -12.24 4.65
CA ASN D 17 -5.78 -12.21 5.20
C ASN D 17 -4.72 -12.14 4.13
N LYS D 18 -5.11 -11.69 2.93
CA LYS D 18 -4.17 -11.50 1.83
C LYS D 18 -2.87 -10.81 2.25
N LYS D 19 -2.97 -9.65 2.89
CA LYS D 19 -1.77 -8.87 3.27
C LYS D 19 -0.85 -9.66 4.20
N LYS D 20 -1.46 -10.24 5.24
CA LYS D 20 -0.72 -11.01 6.25
C LYS D 20 -0.03 -12.20 5.63
N ILE D 21 -0.73 -12.86 4.71
CA ILE D 21 -0.21 -14.04 4.01
C ILE D 21 0.94 -13.65 3.11
N VAL D 22 0.75 -12.60 2.32
CA VAL D 22 1.75 -12.11 1.36
C VAL D 22 3.03 -11.59 2.06
N ASP D 23 2.87 -10.92 3.20
CA ASP D 23 4.03 -10.47 3.99
C ASP D 23 4.85 -11.61 4.53
N LYS D 24 4.15 -12.58 5.12
CA LYS D 24 4.76 -13.78 5.67
C LYS D 24 5.50 -14.56 4.59
N ALA D 25 4.79 -14.82 3.50
CA ALA D 25 5.34 -15.56 2.35
C ALA D 25 6.57 -14.90 1.71
N SER D 26 6.49 -13.60 1.47
CA SER D 26 7.58 -12.84 0.85
C SER D 26 8.81 -12.77 1.74
N GLN D 27 8.57 -12.48 3.02
CA GLN D 27 9.62 -12.45 4.04
C GLN D 27 10.28 -13.81 4.21
N ASP D 28 9.50 -14.88 4.11
CA ASP D 28 10.00 -16.23 4.23
C ASP D 28 10.96 -16.54 3.08
N LEU D 29 10.53 -16.28 1.86
CA LEU D 29 11.41 -16.38 0.70
C LEU D 29 12.61 -15.50 0.85
N TRP D 30 12.41 -14.22 1.17
CA TRP D 30 13.49 -13.24 1.27
C TRP D 30 14.60 -13.65 2.23
N ARG D 31 14.23 -14.18 3.40
CA ARG D 31 15.20 -14.61 4.40
C ARG D 31 16.15 -15.65 3.84
N ARG D 32 15.61 -16.54 3.01
CA ARG D 32 16.40 -17.61 2.43
C ARG D 32 17.06 -17.22 1.11
N HIS D 33 16.38 -16.46 0.27
CA HIS D 33 16.91 -16.03 -1.03
C HIS D 33 16.63 -14.56 -1.32
N PRO D 34 17.36 -13.65 -0.64
CA PRO D 34 17.02 -12.23 -0.68
C PRO D 34 17.06 -11.62 -2.09
N ASP D 35 17.92 -12.18 -2.94
CA ASP D 35 18.09 -11.78 -4.33
C ASP D 35 16.92 -12.13 -5.26
N LEU D 36 15.94 -12.91 -4.79
CA LEU D 36 14.82 -13.30 -5.63
C LEU D 36 13.55 -12.45 -5.46
N ILE D 37 13.52 -11.54 -4.49
CA ILE D 37 12.29 -10.77 -4.20
C ILE D 37 12.68 -9.35 -3.75
N ALA D 38 12.29 -8.38 -4.56
CA ALA D 38 12.65 -6.99 -4.35
C ALA D 38 11.55 -6.23 -3.60
N PRO D 39 11.90 -5.11 -2.94
CA PRO D 39 10.92 -4.32 -2.22
C PRO D 39 10.06 -3.41 -3.08
N GLY D 40 8.81 -3.27 -2.64
CA GLY D 40 7.88 -2.35 -3.24
C GLY D 40 7.37 -2.75 -4.61
N GLY D 41 6.90 -1.75 -5.36
CA GLY D 41 6.34 -1.95 -6.69
C GLY D 41 7.35 -1.85 -7.83
N ILE D 42 7.27 -2.85 -8.70
CA ILE D 42 8.04 -2.89 -9.96
C ILE D 42 7.01 -2.94 -11.06
N ALA D 43 7.25 -2.27 -12.20
CA ALA D 43 6.45 -2.50 -13.42
C ALA D 43 6.32 -4.00 -13.75
N PHE D 44 5.09 -4.50 -13.55
CA PHE D 44 4.77 -5.92 -13.75
C PHE D 44 5.24 -6.49 -15.09
N SER D 45 5.18 -5.66 -16.13
CA SER D 45 5.51 -6.08 -17.50
C SER D 45 7.00 -6.03 -17.85
N GLN D 46 7.86 -5.61 -16.91
CA GLN D 46 9.30 -5.44 -17.16
C GLN D 46 9.93 -6.80 -17.36
N ARG D 47 10.59 -6.98 -18.52
CA ARG D 47 11.19 -8.26 -18.83
C ARG D 47 12.47 -8.44 -18.01
N ASP D 48 12.73 -9.69 -17.63
CA ASP D 48 13.94 -10.11 -16.90
C ASP D 48 14.11 -9.46 -15.52
N ARG D 49 13.03 -9.51 -14.75
CA ARG D 49 12.97 -8.85 -13.46
C ARG D 49 12.95 -9.87 -12.31
N ALA D 50 13.14 -9.32 -11.11
CA ALA D 50 12.93 -10.07 -9.89
C ALA D 50 11.43 -10.13 -9.60
N LEU D 51 11.05 -11.03 -8.69
CA LEU D 51 9.72 -11.01 -8.09
C LEU D 51 9.47 -9.76 -7.26
N CYS D 52 8.20 -9.33 -7.16
CA CYS D 52 7.73 -8.28 -6.27
C CYS D 52 6.52 -8.80 -5.52
N LEU D 53 6.12 -8.08 -4.50
CA LEU D 53 4.89 -8.40 -3.77
C LEU D 53 3.65 -8.63 -4.64
N ARG D 54 3.52 -7.87 -5.72
CA ARG D 54 2.38 -8.07 -6.65
C ARG D 54 2.29 -9.46 -7.23
N ASP D 55 3.42 -10.13 -7.41
CA ASP D 55 3.42 -11.52 -7.92
C ASP D 55 2.86 -12.46 -6.87
N PHE D 56 3.19 -12.21 -5.61
CA PHE D 56 2.64 -12.97 -4.47
C PHE D 56 1.11 -12.84 -4.36
N GLY D 57 0.61 -11.63 -4.50
CA GLY D 57 -0.83 -11.37 -4.51
C GLY D 57 -1.54 -11.96 -5.72
N TRP D 58 -0.88 -11.97 -6.88
CA TRP D 58 -1.44 -12.51 -8.12
C TRP D 58 -1.69 -14.01 -7.87
N PHE D 59 -0.63 -14.70 -7.45
CA PHE D 59 -0.69 -16.14 -7.25
C PHE D 59 -1.67 -16.55 -6.16
N LEU D 60 -1.77 -15.75 -5.09
CA LEU D 60 -2.76 -16.01 -4.04
C LEU D 60 -4.19 -15.95 -4.60
N HIS D 61 -4.48 -14.91 -5.38
CA HIS D 61 -5.79 -14.77 -6.04
C HIS D 61 -6.05 -15.94 -6.97
N LEU D 62 -5.00 -16.39 -7.65
CA LEU D 62 -5.11 -17.49 -8.59
C LEU D 62 -5.54 -18.79 -7.89
N ILE D 63 -4.90 -19.07 -6.75
CA ILE D 63 -5.15 -20.28 -5.97
C ILE D 63 -6.53 -20.26 -5.34
N THR D 64 -6.94 -19.07 -4.91
CA THR D 64 -8.30 -18.82 -4.46
C THR D 64 -9.32 -19.07 -5.58
N PHE D 65 -9.05 -18.58 -6.80
CA PHE D 65 -9.98 -18.80 -7.91
C PHE D 65 -10.14 -20.28 -8.21
N CYS D 66 -9.04 -21.00 -8.21
CA CYS D 66 -9.01 -22.47 -8.40
C CYS D 66 -9.77 -23.21 -7.31
N LEU D 67 -9.57 -22.76 -6.08
CA LEU D 67 -10.29 -23.29 -4.96
C LEU D 67 -11.78 -23.11 -5.18
N LEU D 68 -12.23 -21.89 -5.46
CA LEU D 68 -13.65 -21.64 -5.74
C LEU D 68 -14.20 -22.46 -6.92
N ALA D 69 -13.39 -22.63 -7.96
CA ALA D 69 -13.78 -23.33 -9.15
C ALA D 69 -13.73 -24.85 -9.00
N GLY D 70 -13.14 -25.35 -7.91
CA GLY D 70 -12.86 -26.78 -7.75
C GLY D 70 -11.79 -27.32 -8.68
N ASP D 71 -10.97 -26.44 -9.27
CA ASP D 71 -9.96 -26.87 -10.23
C ASP D 71 -8.66 -27.16 -9.50
N LYS D 72 -8.33 -28.44 -9.39
CA LYS D 72 -7.03 -28.83 -8.82
C LYS D 72 -6.29 -29.88 -9.61
N GLY D 73 -6.45 -29.86 -10.94
CA GLY D 73 -5.77 -30.85 -11.80
C GLY D 73 -6.44 -32.22 -11.74
N PRO D 74 -5.81 -33.26 -12.28
CA PRO D 74 -4.53 -33.21 -12.97
C PRO D 74 -4.53 -32.38 -14.27
N ILE D 75 -5.67 -32.24 -14.93
CA ILE D 75 -5.75 -31.41 -16.15
C ILE D 75 -5.50 -29.93 -15.84
N GLU D 76 -4.50 -29.36 -16.49
CA GLU D 76 -4.21 -27.94 -16.42
C GLU D 76 -5.21 -27.14 -17.25
N SER D 77 -5.89 -26.18 -16.62
CA SER D 77 -6.81 -25.30 -17.33
C SER D 77 -6.06 -24.38 -18.28
N ILE D 78 -6.78 -23.93 -19.30
CA ILE D 78 -6.23 -22.98 -20.26
C ILE D 78 -5.77 -21.67 -19.60
N GLY D 79 -6.47 -21.21 -18.56
CA GLY D 79 -6.07 -20.02 -17.83
C GLY D 79 -4.68 -20.19 -17.24
N LEU D 80 -4.52 -21.34 -16.58
CA LEU D 80 -3.30 -21.69 -15.88
C LEU D 80 -2.07 -21.83 -16.81
N ILE D 81 -2.34 -22.23 -18.06
CA ILE D 81 -1.28 -22.38 -19.06
C ILE D 81 -0.87 -20.99 -19.55
N SER D 82 -1.88 -20.14 -19.80
CA SER D 82 -1.69 -18.75 -20.14
C SER D 82 -0.93 -17.97 -19.07
N ILE D 83 -1.20 -18.25 -17.78
CA ILE D 83 -0.43 -17.61 -16.70
C ILE D 83 1.02 -18.02 -16.75
N ARG D 84 1.26 -19.33 -16.88
CA ARG D 84 2.62 -19.81 -17.00
C ARG D 84 3.30 -19.10 -18.15
N GLU D 85 2.57 -18.94 -19.26
CA GLU D 85 3.11 -18.32 -20.46
C GLU D 85 3.44 -16.85 -20.19
N MET D 86 2.50 -16.13 -19.60
CA MET D 86 2.72 -14.75 -19.19
C MET D 86 4.05 -14.62 -18.45
N TYR D 87 4.23 -15.40 -17.38
CA TYR D 87 5.46 -15.33 -16.60
C TYR D 87 6.71 -15.78 -17.37
N ASN D 88 6.52 -16.79 -18.23
CA ASN D 88 7.56 -17.25 -19.16
C ASN D 88 8.16 -16.07 -19.90
N SER D 89 7.31 -15.28 -20.54
CA SER D 89 7.76 -14.13 -21.31
C SER D 89 8.34 -13.03 -20.43
N LEU D 90 7.86 -12.89 -19.19
CA LEU D 90 8.42 -11.93 -18.23
C LEU D 90 9.85 -12.23 -17.78
N GLY D 91 10.31 -13.46 -18.04
CA GLY D 91 11.66 -13.87 -17.69
C GLY D 91 11.94 -13.97 -16.20
N VAL D 92 10.88 -14.22 -15.42
CA VAL D 92 11.01 -14.58 -14.00
C VAL D 92 11.45 -16.04 -13.87
N PRO D 93 12.52 -16.33 -13.09
CA PRO D 93 12.96 -17.75 -13.10
C PRO D 93 11.90 -18.76 -12.62
N VAL D 94 11.84 -19.93 -13.27
CA VAL D 94 10.99 -21.05 -12.83
C VAL D 94 11.22 -21.47 -11.37
N PRO D 95 12.49 -21.74 -10.97
CA PRO D 95 12.73 -22.05 -9.56
C PRO D 95 12.17 -20.99 -8.58
N ALA D 96 12.27 -19.71 -8.91
CA ALA D 96 11.79 -18.64 -8.04
C ALA D 96 10.26 -18.59 -7.94
N MET D 97 9.57 -18.82 -9.06
CA MET D 97 8.11 -18.86 -9.04
C MET D 97 7.62 -20.00 -8.19
N MET D 98 8.19 -21.18 -8.41
CA MET D 98 7.87 -22.36 -7.60
C MET D 98 8.06 -22.08 -6.12
N GLU D 99 9.19 -21.47 -5.78
CA GLU D 99 9.48 -21.16 -4.38
C GLU D 99 8.53 -20.13 -3.79
N SER D 100 8.18 -19.11 -4.57
CA SER D 100 7.17 -18.14 -4.11
C SER D 100 5.85 -18.79 -3.74
N ILE D 101 5.41 -19.76 -4.55
CA ILE D 101 4.13 -20.43 -4.36
C ILE D 101 4.20 -21.38 -3.18
N ARG D 102 5.35 -22.02 -2.99
CA ARG D 102 5.59 -22.83 -1.80
C ARG D 102 5.50 -22.01 -0.52
N CYS D 103 6.06 -20.80 -0.54
CA CYS D 103 5.98 -19.91 0.59
C CYS D 103 4.55 -19.47 0.89
N LEU D 104 3.78 -19.15 -0.14
CA LEU D 104 2.37 -18.84 0.06
C LEU D 104 1.60 -19.98 0.65
N LYS D 105 1.93 -21.22 0.22
CA LYS D 105 1.32 -22.42 0.75
C LYS D 105 1.50 -22.50 2.26
N GLU D 106 2.76 -22.47 2.69
CA GLU D 106 3.07 -22.54 4.10
C GLU D 106 2.39 -21.40 4.86
N ALA D 107 2.48 -20.19 4.34
CA ALA D 107 1.82 -19.04 4.98
C ALA D 107 0.31 -19.18 5.05
N SER D 108 -0.31 -19.66 3.97
CA SER D 108 -1.78 -19.77 3.91
C SER D 108 -2.26 -20.91 4.79
N LEU D 109 -1.58 -22.05 4.72
CA LEU D 109 -2.01 -23.22 5.50
C LEU D 109 -1.85 -23.05 6.99
N SER D 110 -0.84 -22.30 7.43
CA SER D 110 -0.62 -22.00 8.84
C SER D 110 -1.77 -21.24 9.45
N LEU D 111 -2.52 -20.47 8.66
CA LEU D 111 -3.70 -19.78 9.21
C LEU D 111 -4.96 -20.62 9.27
N LEU D 112 -5.00 -21.68 8.49
CA LEU D 112 -6.17 -22.55 8.43
C LEU D 112 -6.11 -23.59 9.52
N ASP D 113 -7.29 -24.06 9.92
CA ASP D 113 -7.40 -25.22 10.79
C ASP D 113 -7.08 -26.45 9.95
N GLU D 114 -6.95 -27.60 10.60
CA GLU D 114 -6.31 -28.77 9.98
C GLU D 114 -7.13 -29.36 8.85
N GLU D 115 -8.46 -29.32 9.00
CA GLU D 115 -9.37 -29.87 8.01
C GLU D 115 -9.33 -29.03 6.74
N ASP D 116 -9.37 -27.72 6.93
CA ASP D 116 -9.28 -26.78 5.82
C ASP D 116 -7.92 -26.77 5.14
N ALA D 117 -6.84 -26.93 5.90
CA ALA D 117 -5.49 -27.05 5.36
C ALA D 117 -5.37 -28.26 4.46
N ASN D 118 -5.93 -29.39 4.89
CA ASN D 118 -5.91 -30.64 4.11
C ASN D 118 -6.66 -30.48 2.79
N GLU D 119 -7.79 -29.78 2.85
CA GLU D 119 -8.61 -29.46 1.66
C GLU D 119 -7.87 -28.52 0.69
N THR D 120 -7.12 -27.57 1.24
CA THR D 120 -6.54 -26.48 0.45
C THR D 120 -5.16 -26.84 -0.12
N ALA D 121 -4.41 -27.68 0.58
CA ALA D 121 -3.03 -28.02 0.15
C ALA D 121 -2.92 -28.48 -1.32
N PRO D 122 -3.84 -29.34 -1.81
CA PRO D 122 -3.83 -29.77 -3.21
C PRO D 122 -3.89 -28.67 -4.25
N TYR D 123 -4.57 -27.56 -3.94
CA TYR D 123 -4.70 -26.48 -4.88
C TYR D 123 -3.37 -25.74 -5.08
N PHE D 124 -2.62 -25.57 -4.00
CA PHE D 124 -1.25 -25.07 -4.08
C PHE D 124 -0.37 -26.01 -4.87
N ASP D 125 -0.46 -27.31 -4.58
CA ASP D 125 0.36 -28.28 -5.30
C ASP D 125 0.11 -28.28 -6.80
N TYR D 126 -1.17 -28.19 -7.18
CA TYR D 126 -1.56 -28.04 -8.58
C TYR D 126 -0.81 -26.89 -9.24
N ILE D 127 -0.82 -25.73 -8.60
CA ILE D 127 -0.26 -24.53 -9.21
C ILE D 127 1.27 -24.60 -9.24
N ILE D 128 1.87 -25.20 -8.22
CA ILE D 128 3.31 -25.39 -8.21
C ILE D 128 3.75 -26.30 -9.33
N LYS D 129 3.05 -27.43 -9.53
CA LYS D 129 3.36 -28.34 -10.65
C LYS D 129 3.18 -27.64 -11.98
N ALA D 130 2.13 -26.84 -12.08
CA ALA D 130 1.82 -26.10 -13.31
C ALA D 130 2.91 -25.13 -13.68
N MET D 131 3.52 -24.50 -12.67
CA MET D 131 4.55 -23.51 -12.91
C MET D 131 5.88 -24.22 -12.77
N SER D 132 6.20 -25.14 -13.68
CA SER D 132 7.44 -25.89 -13.51
C SER D 132 8.11 -26.43 -14.78
N HIS D 133 7.59 -26.14 -15.98
CA HIS D 133 8.02 -26.87 -17.19
C HIS D 133 9.31 -26.35 -17.83
S SO4 E . -5.76 -5.79 -3.32
O1 SO4 E . -6.17 -6.77 -4.37
O2 SO4 E . -6.25 -6.25 -2.00
O3 SO4 E . -6.26 -4.43 -3.61
O4 SO4 E . -4.28 -5.72 -3.24
S SO4 F . -16.07 -15.99 -30.03
O1 SO4 F . -16.87 -17.02 -29.33
O2 SO4 F . -16.81 -14.70 -30.09
O3 SO4 F . -15.82 -16.45 -31.41
O4 SO4 F . -14.77 -15.75 -29.32
C1 EDO G . -25.94 5.66 -2.52
O1 EDO G . -26.77 4.97 -1.56
C2 EDO G . -26.40 7.11 -2.57
O2 EDO G . -25.41 7.90 -3.24
C1 EDO H . -11.99 14.84 -9.30
O1 EDO H . -13.36 14.56 -9.57
C2 EDO H . -11.39 15.39 -10.58
O2 EDO H . -10.74 16.62 -10.27
CL CL I . -19.13 -4.68 -30.04
CL CL J . -17.68 13.69 -3.13
S SO4 K . 23.92 5.83 -3.98
O1 SO4 K . 23.61 4.40 -4.19
O2 SO4 K . 22.71 6.60 -3.65
O3 SO4 K . 24.90 5.89 -2.86
O4 SO4 K . 24.48 6.39 -5.25
S SO4 L . 17.11 27.93 2.79
O1 SO4 L . 16.21 28.74 1.94
O2 SO4 L . 16.34 27.64 4.03
O3 SO4 L . 17.53 26.67 2.08
O4 SO4 L . 18.33 28.69 3.14
S SO4 M . 28.18 -0.65 -3.08
O1 SO4 M . 27.55 -1.83 -3.73
O2 SO4 M . 27.38 -0.21 -1.91
O3 SO4 M . 29.55 -1.01 -2.63
O4 SO4 M . 28.22 0.44 -4.09
S SO4 N . 3.24 -2.57 6.97
O1 SO4 N . 1.88 -3.15 7.09
O2 SO4 N . 3.10 -1.12 6.76
O3 SO4 N . 3.98 -3.13 5.83
O4 SO4 N . 3.95 -2.91 8.23
CL CL O . 5.78 5.08 5.38
CL CL P . 12.32 23.64 -15.39
S SO4 Q . 0.31 -1.95 10.90
O1 SO4 Q . 0.55 -2.50 12.25
O2 SO4 Q . -1.15 -2.07 10.63
O3 SO4 Q . 1.08 -2.70 9.87
O4 SO4 Q . 0.75 -0.53 10.86
S SO4 R . 1.82 7.66 3.72
O1 SO4 R . 0.41 7.44 4.16
O2 SO4 R . 2.15 6.56 2.78
O3 SO4 R . 2.75 7.75 4.87
O4 SO4 R . 1.97 8.96 3.01
C1 EDO S . 4.10 7.34 12.65
O1 EDO S . 5.35 7.79 13.20
C2 EDO S . 4.22 7.20 11.15
O2 EDO S . 4.90 5.98 10.79
C1 EDO T . -12.49 25.79 3.77
O1 EDO T . -13.03 25.58 5.08
C2 EDO T . -11.01 26.04 3.94
O2 EDO T . -10.81 27.07 4.92
CL CL U . -18.75 15.16 13.93
S SO4 V . 2.38 -1.15 -7.49
O1 SO4 V . 1.73 -1.73 -8.68
O2 SO4 V . 1.35 -0.68 -6.56
O3 SO4 V . 3.16 -2.23 -6.84
O4 SO4 V . 3.29 -0.03 -7.86
CL CL W . 10.74 -4.17 -21.01
#